data_2HSM
#
_entry.id   2HSM
#
_cell.length_a   41.380
_cell.length_b   87.460
_cell.length_c   52.800
_cell.angle_alpha   90.00
_cell.angle_beta   92.59
_cell.angle_gamma   90.00
#
_symmetry.space_group_name_H-M   'P 1 21 1'
#
loop_
_entity.id
_entity.type
_entity.pdbx_description
1 polymer 'Glutamyl-tRNA synthetase, cytoplasmic'
2 polymer 'GU4 nucleic-binding protein 1'
#
loop_
_entity_poly.entity_id
_entity_poly.type
_entity_poly.pdbx_seq_one_letter_code
_entity_poly.pdbx_strand_id
1 'polypeptide(L)'
;MTKLFSKVKESIEGIKMPSTLTINGKAPIVAYAELIAARIVNALAPNSIAIKLVDDKKAPAAKLDDATEDVFNKITSKFA
AIFDNGDKEQVAKWVNLAQKELVIKNFAKLSQSLETLDSQLNLRTFILGGLKYSAADVACWGALRSNGMCGSIIKNKVDV
NVSRWYTLLEMDPIFGEAHDFLSKSLLELKKSANVGKKKETHKANFE
;
A
2 'polypeptide(L)'
;MSDLVTKFESLIISKYPVSFTKEQSAQAAQWESVLKSGQIQPHLDQLNLVLRDNTFIVSTLYPTSTDVHVFEVALPLIKD
LVASSKDVKSTYTTYRHILRWIDYMQNLLEVSSTDKLEINHD
;
B
#
# COMPACT_ATOMS: atom_id res chain seq x y z
N MET A 17 13.76 -20.93 -19.83
CA MET A 17 14.56 -19.65 -19.82
C MET A 17 13.64 -18.42 -19.64
N PRO A 18 14.22 -17.28 -19.19
CA PRO A 18 13.36 -16.16 -18.81
C PRO A 18 12.98 -15.24 -19.98
N SER A 19 12.10 -14.29 -19.73
CA SER A 19 11.95 -13.13 -20.60
C SER A 19 13.06 -12.13 -20.28
N THR A 20 13.22 -11.14 -21.14
CA THR A 20 14.12 -10.03 -20.84
C THR A 20 13.31 -8.76 -20.73
N LEU A 21 13.25 -8.23 -19.52
CA LEU A 21 12.74 -6.90 -19.34
C LEU A 21 13.95 -6.00 -19.45
N THR A 22 13.93 -5.07 -20.39
CA THR A 22 14.99 -4.10 -20.50
C THR A 22 14.41 -2.73 -20.17
N ILE A 23 14.95 -2.08 -19.15
CA ILE A 23 14.47 -0.76 -18.79
C ILE A 23 15.60 0.27 -18.95
N ASN A 24 15.23 1.50 -19.29
CA ASN A 24 16.17 2.55 -19.73
C ASN A 24 16.38 3.61 -18.65
N GLY A 25 17.65 3.83 -18.29
CA GLY A 25 18.01 4.70 -17.15
C GLY A 25 18.06 6.19 -17.45
N LYS A 26 18.20 6.54 -18.73
CA LYS A 26 18.15 7.96 -19.13
C LYS A 26 16.73 8.37 -19.55
N ALA A 27 15.72 7.54 -19.30
CA ALA A 27 14.35 7.82 -19.72
C ALA A 27 13.72 8.91 -18.86
N PRO A 28 12.88 9.78 -19.47
CA PRO A 28 12.30 10.94 -18.73
C PRO A 28 11.30 10.51 -17.68
N ILE A 29 10.51 9.47 -18.01
CA ILE A 29 9.66 8.74 -17.05
C ILE A 29 10.17 7.30 -16.97
N VAL A 30 10.77 6.96 -15.82
CA VAL A 30 11.46 5.69 -15.63
C VAL A 30 10.44 4.65 -15.20
N ALA A 31 10.44 3.51 -15.90
CA ALA A 31 9.38 2.50 -15.77
C ALA A 31 9.52 1.68 -14.49
N TYR A 32 9.17 2.31 -13.37
CA TYR A 32 9.25 1.71 -12.04
C TYR A 32 8.14 0.67 -11.77
N ALA A 33 6.93 0.95 -12.26
CA ALA A 33 5.82 -0.02 -12.17
C ALA A 33 6.27 -1.35 -12.76
N GLU A 34 6.85 -1.29 -13.95
CA GLU A 34 7.30 -2.50 -14.65
C GLU A 34 8.43 -3.20 -13.88
N LEU A 35 9.39 -2.42 -13.41
CA LEU A 35 10.46 -2.98 -12.60
C LEU A 35 9.88 -3.72 -11.39
N ILE A 36 8.84 -3.15 -10.78
CA ILE A 36 8.26 -3.69 -9.55
C ILE A 36 7.44 -4.96 -9.84
N ALA A 37 6.67 -4.97 -10.94
CA ALA A 37 5.99 -6.19 -11.35
C ALA A 37 7.00 -7.33 -11.62
N ALA A 38 8.09 -7.02 -12.31
CA ALA A 38 9.13 -8.01 -12.59
C ALA A 38 9.69 -8.60 -11.30
N ARG A 39 9.87 -7.75 -10.29
CA ARG A 39 10.47 -8.17 -9.04
C ARG A 39 9.54 -9.03 -8.21
N ILE A 40 8.23 -8.87 -8.41
CA ILE A 40 7.26 -9.68 -7.71
C ILE A 40 7.32 -11.07 -8.28
N VAL A 41 7.11 -11.18 -9.59
CA VAL A 41 7.23 -12.49 -10.26
C VAL A 41 8.54 -13.20 -9.88
N ASN A 42 9.66 -12.48 -9.89
CA ASN A 42 10.94 -13.09 -9.53
C ASN A 42 10.94 -13.55 -8.08
N ALA A 43 10.27 -12.81 -7.21
CA ALA A 43 10.25 -13.14 -5.79
C ALA A 43 9.55 -14.48 -5.52
N LEU A 44 8.51 -14.78 -6.30
CA LEU A 44 7.67 -15.97 -6.11
C LEU A 44 8.04 -17.11 -7.05
N ALA A 45 8.45 -16.77 -8.27
CA ALA A 45 8.74 -17.75 -9.31
C ALA A 45 10.11 -17.45 -9.91
N PRO A 46 11.19 -17.75 -9.16
CA PRO A 46 12.54 -17.31 -9.50
C PRO A 46 12.96 -17.60 -10.94
N ASN A 47 13.74 -16.67 -11.52
CA ASN A 47 14.22 -16.75 -12.90
C ASN A 47 13.16 -16.69 -13.98
N SER A 48 12.02 -16.08 -13.69
CA SER A 48 10.94 -16.01 -14.68
C SER A 48 11.21 -14.89 -15.68
N ILE A 49 11.90 -13.85 -15.20
CA ILE A 49 12.18 -12.67 -15.99
C ILE A 49 13.57 -12.14 -15.64
N ALA A 50 14.41 -11.97 -16.66
CA ALA A 50 15.71 -11.33 -16.52
C ALA A 50 15.60 -9.81 -16.72
N ILE A 51 16.10 -9.05 -15.75
CA ILE A 51 16.11 -7.59 -15.83
C ILE A 51 17.42 -7.11 -16.44
N LYS A 52 17.30 -6.24 -17.46
CA LYS A 52 18.45 -5.71 -18.20
C LYS A 52 18.37 -4.18 -18.21
N LEU A 53 19.49 -3.50 -17.94
CA LEU A 53 19.50 -2.02 -17.97
C LEU A 53 20.28 -1.43 -19.13
N VAL A 54 19.87 -0.23 -19.57
CA VAL A 54 20.48 0.44 -20.72
C VAL A 54 20.41 1.97 -20.62
N ASP A 55 21.51 2.62 -20.23
CA ASP A 55 21.60 4.10 -20.18
C ASP A 55 21.75 4.65 -21.62
N ASP A 56 20.68 5.26 -22.16
CA ASP A 56 20.67 5.74 -23.53
C ASP A 56 19.36 6.47 -23.79
N LYS A 57 19.44 7.73 -24.20
CA LYS A 57 18.27 8.60 -24.39
C LYS A 57 17.42 8.29 -25.64
N LYS A 58 17.99 7.59 -26.62
CA LYS A 58 17.19 7.13 -27.77
C LYS A 58 16.88 5.65 -27.54
N ALA A 59 15.97 5.41 -26.61
CA ALA A 59 15.63 4.05 -26.20
C ALA A 59 14.35 4.07 -25.38
N PRO A 60 13.39 3.18 -25.70
CA PRO A 60 12.13 3.08 -24.95
C PRO A 60 12.34 2.97 -23.44
N ALA A 61 11.37 3.44 -22.66
CA ALA A 61 11.47 3.40 -21.20
C ALA A 61 11.36 1.97 -20.65
N ALA A 62 10.77 1.07 -21.44
CA ALA A 62 10.66 -0.35 -21.06
C ALA A 62 10.46 -1.25 -22.27
N LYS A 63 10.99 -2.47 -22.21
CA LYS A 63 10.87 -3.43 -23.30
C LYS A 63 10.80 -4.86 -22.75
N LEU A 64 9.68 -5.54 -23.02
CA LEU A 64 9.52 -6.95 -22.64
C LEU A 64 9.74 -7.85 -23.86
N ASP A 65 10.91 -8.47 -23.91
CA ASP A 65 11.36 -9.28 -25.05
C ASP A 65 11.42 -8.39 -26.27
N ASP A 66 10.37 -8.41 -27.08
CA ASP A 66 10.28 -7.55 -28.25
C ASP A 66 9.30 -6.42 -28.05
N ALA A 67 8.14 -6.71 -27.47
CA ALA A 67 7.08 -5.72 -27.24
C ALA A 67 7.59 -4.44 -26.55
N THR A 68 7.21 -3.29 -27.09
CA THR A 68 7.44 -2.00 -26.45
C THR A 68 6.11 -1.37 -26.00
N GLU A 69 5.04 -1.61 -26.74
CA GLU A 69 3.71 -1.17 -26.31
C GLU A 69 3.13 -2.09 -25.26
N ASP A 70 2.46 -1.48 -24.28
CA ASP A 70 1.58 -2.19 -23.34
C ASP A 70 2.32 -3.16 -22.39
N VAL A 71 3.63 -2.96 -22.26
CA VAL A 71 4.49 -3.87 -21.50
C VAL A 71 3.96 -4.30 -20.10
N PHE A 72 3.40 -3.37 -19.33
CA PHE A 72 2.88 -3.70 -18.00
C PHE A 72 1.77 -4.74 -18.08
N ASN A 73 0.83 -4.56 -19.02
CA ASN A 73 -0.26 -5.51 -19.21
C ASN A 73 0.31 -6.88 -19.51
N LYS A 74 1.25 -6.92 -20.45
CA LYS A 74 1.87 -8.17 -20.86
C LYS A 74 2.40 -8.93 -19.65
N ILE A 75 3.26 -8.30 -18.86
CA ILE A 75 3.77 -8.96 -17.66
C ILE A 75 2.62 -9.43 -16.78
N THR A 76 1.62 -8.58 -16.62
CA THR A 76 0.57 -8.81 -15.63
C THR A 76 -0.35 -9.95 -16.06
N SER A 77 -0.63 -10.02 -17.36
CA SER A 77 -1.49 -11.08 -17.88
C SER A 77 -0.75 -12.42 -17.91
N LYS A 78 0.49 -12.41 -18.41
CA LYS A 78 1.35 -13.61 -18.47
C LYS A 78 1.38 -14.43 -17.17
N PHE A 79 1.71 -13.78 -16.06
CA PHE A 79 1.83 -14.46 -14.77
C PHE A 79 0.54 -14.26 -13.95
N ALA A 80 -0.57 -14.67 -14.58
CA ALA A 80 -1.92 -14.55 -14.02
C ALA A 80 -2.15 -15.35 -12.74
N ALA A 81 -1.28 -16.28 -12.42
CA ALA A 81 -1.34 -16.98 -11.14
C ALA A 81 -0.95 -16.04 -10.00
N ILE A 82 -0.01 -15.15 -10.27
CA ILE A 82 0.41 -14.13 -9.30
C ILE A 82 -0.49 -12.88 -9.37
N PHE A 83 -1.10 -12.64 -10.53
CA PHE A 83 -2.00 -11.50 -10.71
C PHE A 83 -3.41 -11.97 -11.02
N ASP A 84 -4.19 -12.15 -9.96
CA ASP A 84 -5.52 -12.79 -10.07
C ASP A 84 -6.66 -12.05 -9.36
N ASN A 85 -6.36 -11.48 -8.18
CA ASN A 85 -7.36 -10.77 -7.39
C ASN A 85 -7.60 -9.35 -7.88
N GLY A 86 -8.81 -8.87 -7.64
CA GLY A 86 -9.29 -7.64 -8.26
C GLY A 86 -10.05 -8.02 -9.52
N ASP A 87 -11.20 -7.40 -9.70
CA ASP A 87 -12.02 -7.55 -10.91
C ASP A 87 -11.25 -7.04 -12.14
N LYS A 88 -10.86 -7.94 -13.06
CA LYS A 88 -10.12 -7.55 -14.28
C LYS A 88 -10.47 -6.14 -14.78
N GLU A 89 -11.71 -5.98 -15.25
CA GLU A 89 -12.28 -4.69 -15.68
C GLU A 89 -11.80 -3.48 -14.86
N GLN A 90 -11.79 -3.63 -13.53
CA GLN A 90 -11.46 -2.56 -12.59
C GLN A 90 -9.95 -2.31 -12.47
N VAL A 91 -9.14 -3.36 -12.52
CA VAL A 91 -7.68 -3.18 -12.55
C VAL A 91 -7.27 -2.40 -13.79
N ALA A 92 -8.04 -2.58 -14.87
CA ALA A 92 -7.85 -1.81 -16.09
C ALA A 92 -8.11 -0.30 -15.87
N LYS A 93 -9.14 0.03 -15.12
CA LYS A 93 -9.49 1.42 -14.80
C LYS A 93 -8.33 2.16 -14.16
N TRP A 94 -7.68 1.52 -13.19
CA TRP A 94 -6.66 2.17 -12.40
C TRP A 94 -5.26 2.04 -12.98
N VAL A 95 -5.05 1.03 -13.83
CA VAL A 95 -3.83 0.93 -14.59
C VAL A 95 -3.81 2.09 -15.59
N ASN A 96 -4.94 2.30 -16.28
CA ASN A 96 -5.15 3.47 -17.16
C ASN A 96 -4.78 4.81 -16.49
N LEU A 97 -5.53 5.18 -15.46
CA LEU A 97 -5.23 6.37 -14.71
C LEU A 97 -3.72 6.46 -14.52
N ALA A 98 -3.14 5.51 -13.78
CA ALA A 98 -1.70 5.49 -13.49
C ALA A 98 -0.83 5.87 -14.69
N GLN A 99 -1.12 5.23 -15.83
CA GLN A 99 -0.26 5.32 -17.00
C GLN A 99 -0.40 6.62 -17.80
N LYS A 100 -1.56 7.27 -17.67
CA LYS A 100 -1.93 8.37 -18.56
C LYS A 100 -2.32 9.64 -17.80
N GLU A 101 -2.05 9.67 -16.51
CA GLU A 101 -2.67 10.67 -15.66
C GLU A 101 -1.83 10.99 -14.43
N LEU A 102 -1.25 10.00 -13.76
CA LEU A 102 -0.35 10.23 -12.63
C LEU A 102 1.12 10.45 -13.03
N VAL A 103 1.42 10.51 -14.33
CA VAL A 103 2.79 10.74 -14.80
C VAL A 103 3.01 12.22 -15.11
N ILE A 104 2.07 12.78 -15.86
CA ILE A 104 1.98 14.22 -16.17
C ILE A 104 2.54 15.16 -15.07
N LYS A 105 3.47 16.04 -15.47
CA LYS A 105 4.12 16.99 -14.56
C LYS A 105 3.45 18.38 -14.65
N ASN A 106 2.24 18.46 -14.11
CA ASN A 106 1.36 19.62 -14.26
C ASN A 106 0.44 19.68 -13.05
N PHE A 107 0.86 20.42 -12.04
CA PHE A 107 0.21 20.39 -10.74
C PHE A 107 -1.32 20.58 -10.76
N ALA A 108 -1.83 21.35 -11.73
CA ALA A 108 -3.27 21.58 -11.85
C ALA A 108 -3.99 20.27 -12.15
N LYS A 109 -3.48 19.54 -13.13
CA LYS A 109 -4.04 18.23 -13.52
C LYS A 109 -3.83 17.15 -12.45
N LEU A 110 -2.61 17.02 -11.92
CA LEU A 110 -2.34 16.06 -10.86
C LEU A 110 -3.39 16.11 -9.75
N SER A 111 -3.50 17.28 -9.12
CA SER A 111 -4.34 17.47 -7.93
C SER A 111 -5.71 16.83 -8.06
N GLN A 112 -6.36 17.09 -9.19
CA GLN A 112 -7.64 16.47 -9.51
C GLN A 112 -7.51 14.95 -9.46
N SER A 113 -6.54 14.42 -10.20
CA SER A 113 -6.27 12.99 -10.24
C SER A 113 -5.94 12.37 -8.87
N LEU A 114 -5.09 13.01 -8.08
CA LEU A 114 -4.78 12.50 -6.74
C LEU A 114 -6.00 12.47 -5.82
N GLU A 115 -6.94 13.36 -6.08
CA GLU A 115 -8.18 13.45 -5.30
C GLU A 115 -9.05 12.21 -5.53
N THR A 116 -9.15 11.79 -6.79
CA THR A 116 -9.84 10.55 -7.17
C THR A 116 -9.34 9.34 -6.39
N LEU A 117 -8.02 9.21 -6.32
CA LEU A 117 -7.37 8.17 -5.55
C LEU A 117 -7.65 8.36 -4.05
N ASP A 118 -7.44 9.59 -3.57
CA ASP A 118 -7.59 9.89 -2.13
C ASP A 118 -8.99 9.63 -1.56
N SER A 119 -10.00 9.63 -2.45
CA SER A 119 -11.38 9.34 -2.09
C SER A 119 -11.61 7.83 -2.14
N GLN A 120 -11.02 7.21 -3.15
CA GLN A 120 -11.05 5.76 -3.30
C GLN A 120 -10.47 5.08 -2.06
N LEU A 121 -9.52 5.72 -1.38
CA LEU A 121 -8.77 5.11 -0.28
C LEU A 121 -9.33 5.44 1.10
N ASN A 122 -10.55 5.98 1.14
CA ASN A 122 -11.09 6.52 2.39
C ASN A 122 -11.31 5.45 3.45
N LEU A 123 -12.04 4.41 3.05
CA LEU A 123 -12.35 3.29 3.92
C LEU A 123 -11.58 2.03 3.48
N ARG A 124 -10.34 2.21 3.05
CA ARG A 124 -9.55 1.11 2.46
C ARG A 124 -8.08 1.13 2.88
N THR A 125 -7.43 -0.02 2.76
CA THR A 125 -6.01 -0.16 3.00
C THR A 125 -5.31 -0.32 1.66
N PHE A 126 -5.99 -0.98 0.72
CA PHE A 126 -5.52 -1.12 -0.65
C PHE A 126 -6.59 -0.62 -1.60
N ILE A 127 -6.14 -0.29 -2.82
CA ILE A 127 -6.95 0.42 -3.79
C ILE A 127 -8.28 -0.27 -4.06
N LEU A 128 -8.23 -1.52 -4.51
CA LEU A 128 -9.42 -2.32 -4.85
C LEU A 128 -10.08 -2.95 -3.62
N GLY A 129 -9.48 -2.76 -2.45
CA GLY A 129 -10.14 -3.09 -1.19
C GLY A 129 -9.75 -4.38 -0.49
N GLY A 130 -8.96 -5.24 -1.13
CA GLY A 130 -8.61 -6.54 -0.53
C GLY A 130 -7.83 -6.51 0.78
N LEU A 131 -7.38 -7.70 1.19
CA LEU A 131 -6.56 -7.88 2.40
C LEU A 131 -5.06 -7.80 2.06
N LYS A 132 -4.76 -7.87 0.75
CA LYS A 132 -3.42 -7.70 0.20
C LYS A 132 -3.52 -6.84 -1.08
N TYR A 133 -2.41 -6.26 -1.53
CA TYR A 133 -2.42 -5.39 -2.73
C TYR A 133 -2.78 -6.13 -4.01
N SER A 134 -2.95 -5.37 -5.09
CA SER A 134 -3.22 -5.89 -6.44
C SER A 134 -2.36 -5.16 -7.50
N ALA A 135 -2.56 -5.49 -8.77
CA ALA A 135 -1.88 -4.82 -9.89
C ALA A 135 -2.08 -3.31 -9.86
N ALA A 136 -3.30 -2.90 -9.48
CA ALA A 136 -3.66 -1.49 -9.32
C ALA A 136 -2.69 -0.79 -8.38
N ASP A 137 -2.47 -1.38 -7.21
CA ASP A 137 -1.59 -0.73 -6.28
C ASP A 137 -0.22 -0.59 -6.93
N VAL A 138 0.23 -1.62 -7.66
CA VAL A 138 1.53 -1.58 -8.33
C VAL A 138 1.60 -0.44 -9.38
N ALA A 139 0.74 -0.52 -10.39
CA ALA A 139 0.69 0.51 -11.44
C ALA A 139 0.76 1.92 -10.83
N CYS A 140 -0.04 2.20 -9.80
CA CYS A 140 -0.11 3.55 -9.23
C CYS A 140 1.14 3.98 -8.46
N TRP A 141 1.55 3.20 -7.47
CA TRP A 141 2.76 3.51 -6.71
C TRP A 141 3.97 3.74 -7.64
N GLY A 142 4.05 2.95 -8.70
CA GLY A 142 5.14 3.07 -9.66
C GLY A 142 5.07 4.42 -10.32
N ALA A 143 3.93 4.70 -10.96
CA ALA A 143 3.68 6.02 -11.56
C ALA A 143 4.07 7.18 -10.63
N LEU A 144 3.64 7.14 -9.38
CA LEU A 144 3.94 8.24 -8.48
C LEU A 144 5.43 8.32 -8.15
N ARG A 145 6.13 7.19 -8.17
CA ARG A 145 7.58 7.19 -7.91
C ARG A 145 8.36 7.81 -9.06
N SER A 146 7.92 7.55 -10.29
CA SER A 146 8.63 8.04 -11.45
C SER A 146 8.48 9.54 -11.51
N ASN A 147 7.26 10.03 -11.32
CA ASN A 147 6.93 11.46 -11.37
C ASN A 147 7.37 12.16 -10.08
N GLY A 148 8.53 12.79 -10.11
CA GLY A 148 9.10 13.43 -8.91
C GLY A 148 8.41 14.70 -8.45
N MET A 149 7.44 15.19 -9.21
CA MET A 149 6.60 16.30 -8.77
C MET A 149 5.84 15.86 -7.52
N CYS A 150 5.33 14.63 -7.53
CA CYS A 150 4.57 14.06 -6.41
C CYS A 150 5.33 13.93 -5.09
N GLY A 151 6.66 13.97 -5.11
CA GLY A 151 7.45 13.87 -3.90
C GLY A 151 7.05 14.88 -2.84
N SER A 152 6.97 16.15 -3.22
CA SER A 152 6.61 17.22 -2.30
C SER A 152 5.15 17.17 -1.83
N ILE A 153 4.25 16.72 -2.72
CA ILE A 153 2.81 16.60 -2.42
C ILE A 153 2.54 15.57 -1.33
N ILE A 154 3.38 14.55 -1.27
CA ILE A 154 3.41 13.67 -0.12
C ILE A 154 4.18 14.28 1.03
N LYS A 155 5.09 13.51 1.60
CA LYS A 155 6.19 14.13 2.39
C LYS A 155 5.73 15.29 3.29
N ASN A 156 4.42 15.42 3.44
CA ASN A 156 3.81 16.71 3.69
C ASN A 156 2.48 16.74 2.99
N LYS A 157 1.47 16.24 3.68
CA LYS A 157 0.47 15.37 3.09
C LYS A 157 -0.80 16.09 2.69
N VAL A 158 -0.74 16.69 1.51
CA VAL A 158 -1.90 17.38 0.95
C VAL A 158 -3.11 16.44 0.89
N ASP A 159 -2.87 15.18 0.51
CA ASP A 159 -3.92 14.14 0.41
C ASP A 159 -3.73 12.99 1.42
N VAL A 160 -3.80 13.31 2.71
CA VAL A 160 -3.64 12.34 3.79
C VAL A 160 -3.68 10.85 3.39
N ASN A 161 -4.78 10.38 2.79
CA ASN A 161 -4.93 8.94 2.56
C ASN A 161 -3.85 8.45 1.63
N VAL A 162 -3.74 9.07 0.47
CA VAL A 162 -2.66 8.81 -0.50
C VAL A 162 -1.26 8.74 0.17
N SER A 163 -1.01 9.63 1.13
CA SER A 163 0.29 9.67 1.81
C SER A 163 0.46 8.47 2.74
N ARG A 164 -0.62 8.05 3.38
CA ARG A 164 -0.62 6.89 4.28
C ARG A 164 -0.41 5.60 3.50
N TRP A 165 -1.23 5.41 2.47
CA TRP A 165 -1.09 4.31 1.52
C TRP A 165 0.33 4.20 0.95
N TYR A 166 0.79 5.23 0.24
CA TYR A 166 2.12 5.21 -0.38
C TYR A 166 3.19 4.86 0.65
N THR A 167 3.11 5.47 1.84
CA THR A 167 4.06 5.20 2.90
C THR A 167 4.12 3.72 3.29
N LEU A 168 2.97 3.03 3.25
CA LEU A 168 2.91 1.60 3.62
C LEU A 168 3.77 0.79 2.66
N LEU A 169 3.40 0.81 1.39
CA LEU A 169 4.11 0.06 0.35
C LEU A 169 5.62 0.40 0.31
N GLU A 170 5.97 1.61 0.73
CA GLU A 170 7.37 1.99 0.80
C GLU A 170 8.17 1.03 1.69
N MET A 171 7.56 0.60 2.80
CA MET A 171 8.22 -0.31 3.75
C MET A 171 8.48 -1.72 3.18
N ASP A 172 7.73 -2.12 2.16
CA ASP A 172 7.99 -3.39 1.50
C ASP A 172 9.20 -3.29 0.57
N PRO A 173 10.31 -3.97 0.92
CA PRO A 173 11.53 -3.88 0.09
C PRO A 173 11.32 -4.10 -1.40
N ILE A 174 10.36 -4.94 -1.80
CA ILE A 174 10.08 -5.13 -3.24
C ILE A 174 9.73 -3.79 -3.88
N PHE A 175 9.11 -2.89 -3.09
CA PHE A 175 8.76 -1.55 -3.56
C PHE A 175 9.84 -0.50 -3.27
N GLY A 176 10.17 -0.35 -1.99
CA GLY A 176 11.03 0.73 -1.52
C GLY A 176 12.51 0.57 -1.76
N GLU A 177 12.94 -0.62 -2.20
CA GLU A 177 14.32 -0.83 -2.64
C GLU A 177 14.42 -0.97 -4.15
N ALA A 178 13.29 -0.89 -4.84
CA ALA A 178 13.29 -0.88 -6.29
C ALA A 178 14.28 0.16 -6.84
N HIS A 179 14.43 1.30 -6.16
CA HIS A 179 15.34 2.35 -6.61
C HIS A 179 16.81 1.92 -6.61
N ASP A 180 17.26 1.33 -5.51
CA ASP A 180 18.66 0.93 -5.37
C ASP A 180 19.04 -0.08 -6.44
N PHE A 181 18.20 -1.08 -6.63
CA PHE A 181 18.46 -2.08 -7.65
C PHE A 181 18.87 -1.39 -8.94
N LEU A 182 18.16 -0.31 -9.28
CA LEU A 182 18.41 0.50 -10.48
C LEU A 182 19.72 1.25 -10.42
N SER A 183 19.98 1.89 -9.28
CA SER A 183 21.19 2.66 -9.08
C SER A 183 22.39 1.72 -9.17
N LYS A 184 22.37 0.64 -8.38
CA LYS A 184 23.36 -0.43 -8.43
C LYS A 184 23.53 -0.95 -9.86
N SER A 185 22.44 -1.31 -10.51
CA SER A 185 22.54 -1.86 -11.86
C SER A 185 23.31 -0.93 -12.79
N LEU A 186 22.99 0.37 -12.78
CA LEU A 186 23.61 1.36 -13.68
C LEU A 186 25.07 1.56 -13.31
N LEU A 187 25.38 1.45 -12.03
CA LEU A 187 26.77 1.42 -11.59
C LEU A 187 27.53 0.29 -12.29
N GLU A 188 26.93 -0.90 -12.32
CA GLU A 188 27.57 -2.08 -12.91
C GLU A 188 27.71 -1.94 -14.43
N LEU A 189 26.85 -1.15 -15.05
CA LEU A 189 26.87 -0.97 -16.51
C LEU A 189 28.08 -0.11 -16.88
N LYS A 190 28.45 0.79 -15.98
CA LYS A 190 29.60 1.66 -16.18
C LYS A 190 30.88 0.89 -15.90
N LYS A 191 30.83 -0.05 -14.97
CA LYS A 191 31.99 -0.89 -14.69
C LYS A 191 32.26 -1.79 -15.89
N SER A 192 31.25 -2.56 -16.27
CA SER A 192 31.43 -3.59 -17.27
C SER A 192 32.01 -3.02 -18.54
N ALA A 193 31.98 -1.70 -18.65
CA ALA A 193 32.69 -1.02 -19.72
C ALA A 193 34.05 -0.54 -19.23
N ASN A 194 34.33 0.72 -19.46
CA ASN A 194 35.01 1.51 -18.45
C ASN A 194 35.59 0.60 -17.38
N MET B 1 -4.04 -15.27 26.31
CA MET B 1 -4.82 -14.50 27.32
C MET B 1 -6.26 -14.20 26.86
N SER B 2 -6.57 -14.45 25.58
CA SER B 2 -7.94 -14.30 25.04
C SER B 2 -8.09 -15.01 23.69
N ASP B 3 -9.27 -14.92 23.09
CA ASP B 3 -9.58 -15.62 21.83
C ASP B 3 -8.83 -15.10 20.59
N LEU B 4 -8.79 -13.78 20.45
CA LEU B 4 -8.26 -13.14 19.24
C LEU B 4 -6.74 -13.14 19.16
N VAL B 5 -6.09 -13.16 20.33
CA VAL B 5 -4.64 -13.35 20.39
C VAL B 5 -4.25 -14.70 19.80
N THR B 6 -5.14 -15.69 19.96
CA THR B 6 -4.97 -17.02 19.35
C THR B 6 -5.00 -16.91 17.84
N LYS B 7 -6.11 -16.45 17.29
CA LYS B 7 -6.30 -16.46 15.84
C LYS B 7 -5.30 -15.56 15.10
N PHE B 8 -4.71 -14.61 15.80
CA PHE B 8 -3.62 -13.79 15.27
C PHE B 8 -2.35 -14.63 15.09
N GLU B 9 -2.04 -15.43 16.12
CA GLU B 9 -0.88 -16.31 16.08
C GLU B 9 -1.11 -17.60 15.28
N SER B 10 -2.36 -17.86 14.90
CA SER B 10 -2.70 -18.87 13.90
C SER B 10 -2.36 -18.41 12.48
N LEU B 11 -1.71 -17.26 12.38
CA LEU B 11 -1.58 -16.58 11.12
C LEU B 11 -0.13 -16.23 10.87
N ILE B 12 0.26 -16.27 9.61
CA ILE B 12 1.64 -16.54 9.25
C ILE B 12 2.60 -15.51 9.82
N ILE B 13 2.08 -14.51 10.52
CA ILE B 13 2.68 -13.18 10.50
C ILE B 13 2.62 -12.42 11.83
N SER B 14 2.05 -13.06 12.85
CA SER B 14 2.85 -13.63 13.91
C SER B 14 3.35 -14.96 13.40
N LYS B 15 4.65 -15.12 13.33
CA LYS B 15 5.43 -14.41 12.34
C LYS B 15 5.97 -13.14 12.96
N TYR B 16 6.63 -12.34 12.14
CA TYR B 16 7.67 -11.43 12.60
C TYR B 16 8.45 -10.86 11.42
N PRO B 17 9.38 -9.98 11.72
CA PRO B 17 10.08 -9.96 12.99
C PRO B 17 9.70 -8.73 13.78
N VAL B 18 9.67 -7.56 13.11
CA VAL B 18 10.27 -6.39 13.75
C VAL B 18 11.17 -6.80 14.91
N SER B 19 11.78 -5.87 15.53
CA SER B 19 11.84 -4.49 15.05
C SER B 19 11.70 -3.50 16.21
N PHE B 20 12.03 -2.26 15.99
CA PHE B 20 11.36 -1.21 16.73
C PHE B 20 12.23 -0.01 17.04
N THR B 21 11.84 1.12 16.48
CA THR B 21 12.54 2.38 16.73
C THR B 21 12.26 2.92 18.14
N LYS B 22 13.11 3.83 18.59
CA LYS B 22 12.87 4.59 19.83
C LYS B 22 11.46 5.21 19.81
N GLU B 23 11.09 5.76 18.64
CA GLU B 23 9.72 6.23 18.36
C GLU B 23 8.65 5.15 18.58
N GLN B 24 8.76 4.06 17.82
CA GLN B 24 7.73 3.00 17.79
C GLN B 24 7.52 2.31 19.12
N SER B 25 8.59 2.19 19.91
CA SER B 25 8.50 1.51 21.19
C SER B 25 7.62 2.30 22.15
N ALA B 26 7.86 3.61 22.23
CA ALA B 26 7.10 4.50 23.09
C ALA B 26 5.65 4.66 22.63
N GLN B 27 5.39 4.45 21.34
CA GLN B 27 4.03 4.48 20.78
C GLN B 27 3.16 3.35 21.35
N ALA B 28 3.57 2.11 21.13
CA ALA B 28 2.82 0.96 21.64
C ALA B 28 2.83 0.94 23.17
N ALA B 29 3.72 1.73 23.77
CA ALA B 29 3.69 1.95 25.21
C ALA B 29 2.40 2.66 25.62
N GLN B 30 2.21 3.89 25.13
CA GLN B 30 1.07 4.67 25.59
C GLN B 30 -0.26 4.02 25.21
N TRP B 31 -0.27 3.23 24.14
CA TRP B 31 -1.48 2.50 23.76
C TRP B 31 -1.75 1.25 24.60
N GLU B 32 -0.79 0.80 25.40
CA GLU B 32 -1.05 -0.32 26.30
C GLU B 32 -1.47 0.21 27.66
N SER B 33 -0.86 1.30 28.12
CA SER B 33 -1.27 1.94 29.38
C SER B 33 -2.69 2.51 29.25
N VAL B 34 -3.03 3.04 28.08
CA VAL B 34 -4.41 3.50 27.83
C VAL B 34 -5.39 2.39 28.13
N LEU B 35 -5.07 1.17 27.69
CA LEU B 35 -5.91 -0.02 27.93
C LEU B 35 -5.91 -0.42 29.40
N LYS B 36 -4.77 -0.25 30.08
CA LYS B 36 -4.64 -0.61 31.49
C LYS B 36 -5.57 0.23 32.36
N SER B 37 -5.59 1.55 32.13
CA SER B 37 -6.47 2.46 32.87
C SER B 37 -7.94 2.14 32.63
N GLY B 38 -8.25 1.66 31.43
CA GLY B 38 -9.63 1.40 31.03
C GLY B 38 -10.17 2.52 30.17
N GLN B 39 -9.35 3.51 29.85
CA GLN B 39 -9.84 4.71 29.20
C GLN B 39 -9.67 4.69 27.68
N ILE B 40 -10.08 3.59 27.05
CA ILE B 40 -10.03 3.54 25.58
C ILE B 40 -10.87 4.71 25.11
N GLN B 41 -12.16 4.47 24.93
CA GLN B 41 -13.17 5.47 24.53
C GLN B 41 -12.75 6.96 24.49
N PRO B 42 -12.44 7.57 25.66
CA PRO B 42 -11.97 8.95 25.66
C PRO B 42 -10.59 9.20 25.00
N HIS B 43 -10.04 8.21 24.30
CA HIS B 43 -8.87 8.39 23.41
C HIS B 43 -9.16 8.00 21.95
N LEU B 44 -10.43 7.80 21.59
CA LEU B 44 -10.79 7.44 20.21
C LEU B 44 -10.23 8.46 19.22
N ASP B 45 -10.33 9.73 19.60
CA ASP B 45 -9.89 10.85 18.75
C ASP B 45 -8.39 10.85 18.47
N GLN B 46 -7.58 10.49 19.47
CA GLN B 46 -6.16 10.28 19.25
C GLN B 46 -5.98 9.12 18.26
N LEU B 47 -6.53 7.96 18.62
CA LEU B 47 -6.40 6.76 17.79
C LEU B 47 -6.66 7.10 16.33
N ASN B 48 -7.67 7.95 16.11
CA ASN B 48 -8.06 8.32 14.75
C ASN B 48 -6.98 9.18 14.05
N LEU B 49 -6.33 10.04 14.83
CA LEU B 49 -5.27 10.91 14.32
C LEU B 49 -4.08 10.06 13.94
N VAL B 50 -3.66 9.21 14.88
CA VAL B 50 -2.64 8.18 14.64
C VAL B 50 -2.96 7.37 13.38
N LEU B 51 -4.19 6.88 13.28
CA LEU B 51 -4.58 6.08 12.13
C LEU B 51 -4.76 6.86 10.84
N ARG B 52 -4.70 8.20 10.91
CA ARG B 52 -4.86 9.05 9.70
C ARG B 52 -3.63 8.94 8.79
N ASP B 53 -2.46 9.12 9.41
CA ASP B 53 -1.19 9.04 8.72
C ASP B 53 -0.66 7.59 8.63
N ASN B 54 -0.77 6.80 9.70
CA ASN B 54 -0.29 5.40 9.71
C ASN B 54 -1.39 4.37 9.47
N THR B 55 -1.13 3.44 8.54
CA THR B 55 -2.00 2.29 8.24
C THR B 55 -2.28 1.38 9.46
N PHE B 56 -1.29 1.23 10.33
CA PHE B 56 -1.42 0.43 11.56
C PHE B 56 -0.88 1.22 12.73
N ILE B 57 -1.31 0.86 13.92
CA ILE B 57 -1.08 1.70 15.09
C ILE B 57 0.39 2.07 15.25
N VAL B 58 1.30 1.11 15.14
CA VAL B 58 2.72 1.36 15.39
C VAL B 58 3.55 1.53 14.10
N SER B 59 2.92 2.02 13.03
CA SER B 59 3.62 2.30 11.79
C SER B 59 4.41 1.10 11.31
N THR B 60 3.71 0.00 11.05
CA THR B 60 4.34 -1.24 10.61
C THR B 60 3.68 -1.74 9.32
N LEU B 61 4.39 -2.65 8.64
CA LEU B 61 3.98 -3.11 7.31
C LEU B 61 2.81 -4.06 7.42
N TYR B 62 2.78 -4.79 8.54
CA TYR B 62 1.68 -5.72 8.88
C TYR B 62 1.25 -5.43 10.31
N PRO B 63 0.06 -5.91 10.70
CA PRO B 63 -0.40 -5.65 12.06
C PRO B 63 0.48 -6.27 13.15
N THR B 64 0.76 -5.53 14.21
CA THR B 64 1.36 -6.09 15.41
C THR B 64 0.25 -6.51 16.39
N SER B 65 0.66 -7.05 17.54
CA SER B 65 -0.29 -7.53 18.55
C SER B 65 -1.13 -6.37 19.08
N THR B 66 -0.47 -5.23 19.34
CA THR B 66 -1.12 -3.96 19.71
C THR B 66 -2.32 -3.66 18.81
N ASP B 67 -2.10 -3.80 17.50
CA ASP B 67 -3.17 -3.64 16.53
C ASP B 67 -4.36 -4.59 16.76
N VAL B 68 -4.16 -5.66 17.54
CA VAL B 68 -5.22 -6.62 17.87
C VAL B 68 -5.81 -6.35 19.26
N HIS B 69 -4.94 -6.17 20.24
CA HIS B 69 -5.38 -5.87 21.59
C HIS B 69 -6.35 -4.70 21.57
N VAL B 70 -5.91 -3.60 20.98
CA VAL B 70 -6.71 -2.39 20.82
C VAL B 70 -7.98 -2.67 20.02
N PHE B 71 -7.84 -3.39 18.92
CA PHE B 71 -9.00 -3.72 18.10
C PHE B 71 -10.06 -4.49 18.88
N GLU B 72 -9.64 -5.34 19.81
CA GLU B 72 -10.59 -6.16 20.60
C GLU B 72 -11.51 -5.28 21.46
N VAL B 73 -10.90 -4.32 22.14
CA VAL B 73 -11.63 -3.37 22.94
C VAL B 73 -12.33 -2.29 22.09
N ALA B 74 -11.77 -1.97 20.93
CA ALA B 74 -12.33 -0.90 20.09
C ALA B 74 -13.59 -1.32 19.36
N LEU B 75 -13.62 -2.54 18.84
CA LEU B 75 -14.68 -2.94 17.91
C LEU B 75 -16.09 -2.73 18.47
N PRO B 76 -16.32 -3.18 19.72
CA PRO B 76 -17.68 -3.05 20.27
C PRO B 76 -18.06 -1.57 20.46
N LEU B 77 -17.19 -0.86 21.18
CA LEU B 77 -17.34 0.57 21.46
C LEU B 77 -17.61 1.42 20.21
N ILE B 78 -17.01 1.06 19.07
CA ILE B 78 -17.30 1.79 17.83
C ILE B 78 -18.70 1.49 17.34
N LYS B 79 -19.03 0.21 17.21
CA LYS B 79 -20.30 -0.19 16.61
C LYS B 79 -21.50 0.17 17.48
N ASP B 80 -21.27 0.31 18.78
CA ASP B 80 -22.28 0.83 19.65
C ASP B 80 -22.63 2.26 19.23
N LEU B 81 -21.60 3.10 19.08
CA LEU B 81 -21.80 4.54 18.80
C LEU B 81 -22.35 4.81 17.39
N VAL B 82 -22.17 3.83 16.49
CA VAL B 82 -22.75 3.91 15.15
C VAL B 82 -24.26 3.66 15.20
N ALA B 83 -24.71 2.89 16.19
CA ALA B 83 -26.14 2.77 16.47
C ALA B 83 -26.67 4.12 16.97
N SER B 84 -26.11 4.58 18.09
CA SER B 84 -26.58 5.81 18.76
C SER B 84 -26.30 7.11 17.99
N SER B 85 -25.61 7.03 16.86
CA SER B 85 -25.39 8.19 15.99
C SER B 85 -26.71 8.80 15.53
N LYS B 86 -26.76 10.13 15.46
CA LYS B 86 -27.93 10.84 14.93
C LYS B 86 -27.70 11.16 13.44
N ASP B 87 -26.47 11.53 13.09
CA ASP B 87 -26.12 11.79 11.70
C ASP B 87 -25.39 10.62 11.06
N VAL B 88 -24.23 10.28 11.61
CA VAL B 88 -23.56 9.07 11.20
C VAL B 88 -23.48 9.00 9.68
N LYS B 89 -22.34 9.38 9.14
CA LYS B 89 -22.31 10.26 7.99
C LYS B 89 -22.01 11.66 8.48
N SER B 90 -22.03 11.83 9.80
CA SER B 90 -20.94 12.48 10.49
C SER B 90 -20.00 11.43 11.03
N THR B 91 -20.45 10.74 12.07
CA THR B 91 -19.63 9.68 12.66
C THR B 91 -18.65 9.09 11.64
N TYR B 92 -19.17 8.57 10.53
CA TYR B 92 -18.34 8.11 9.41
C TYR B 92 -17.19 9.06 9.08
N THR B 93 -17.52 10.29 8.69
CA THR B 93 -16.49 11.27 8.34
C THR B 93 -15.60 11.63 9.53
N THR B 94 -16.18 11.63 10.73
CA THR B 94 -15.42 11.97 11.94
C THR B 94 -14.42 10.87 12.31
N TYR B 95 -14.74 9.62 11.98
CA TYR B 95 -13.93 8.49 12.38
C TYR B 95 -13.68 7.53 11.21
N ARG B 96 -13.36 8.07 10.04
CA ARG B 96 -13.14 7.21 8.87
C ARG B 96 -11.85 6.38 8.94
N HIS B 97 -10.88 6.83 9.74
CA HIS B 97 -9.59 6.14 9.79
C HIS B 97 -9.63 4.92 10.71
N ILE B 98 -10.31 5.04 11.85
CA ILE B 98 -10.56 3.90 12.73
C ILE B 98 -11.42 2.90 11.98
N LEU B 99 -12.32 3.42 11.15
CA LEU B 99 -13.23 2.58 10.38
C LEU B 99 -12.55 1.72 9.31
N ARG B 100 -11.56 2.22 8.60
CA ARG B 100 -10.91 1.39 7.57
C ARG B 100 -9.95 0.39 8.23
N TRP B 101 -9.48 0.74 9.42
CA TRP B 101 -8.63 -0.13 10.23
C TRP B 101 -9.38 -1.34 10.78
N ILE B 102 -10.54 -1.07 11.38
CA ILE B 102 -11.50 -2.10 11.77
C ILE B 102 -11.75 -3.03 10.58
N ASP B 103 -12.21 -2.44 9.48
CA ASP B 103 -12.66 -3.19 8.32
C ASP B 103 -11.58 -4.13 7.87
N TYR B 104 -10.33 -3.67 7.95
CA TYR B 104 -9.22 -4.52 7.61
C TYR B 104 -9.15 -5.67 8.60
N MET B 105 -8.90 -5.34 9.87
CA MET B 105 -8.60 -6.37 10.85
C MET B 105 -9.74 -7.33 11.19
N GLN B 106 -10.98 -6.90 11.06
CA GLN B 106 -12.09 -7.78 11.38
C GLN B 106 -12.18 -8.90 10.34
N ASN B 107 -11.77 -8.60 9.10
CA ASN B 107 -11.66 -9.63 8.05
C ASN B 107 -10.38 -10.44 8.17
N LEU B 108 -9.33 -9.82 8.70
CA LEU B 108 -8.08 -10.51 8.90
C LEU B 108 -8.24 -11.59 9.97
N LEU B 109 -8.99 -11.25 11.03
CA LEU B 109 -9.24 -12.16 12.14
C LEU B 109 -10.61 -12.88 12.01
N GLU B 110 -11.19 -12.88 10.82
CA GLU B 110 -12.40 -13.67 10.51
C GLU B 110 -13.49 -13.60 11.60
N VAL B 111 -13.85 -12.39 12.00
CA VAL B 111 -14.93 -12.17 12.96
C VAL B 111 -16.27 -12.58 12.33
N SER B 112 -17.22 -13.02 13.16
CA SER B 112 -18.41 -13.68 12.68
C SER B 112 -19.45 -12.67 12.21
N SER B 113 -20.64 -13.16 11.85
CA SER B 113 -21.62 -12.36 11.14
C SER B 113 -21.89 -11.05 11.87
N THR B 114 -21.25 -10.87 13.02
CA THR B 114 -21.94 -10.90 14.30
C THR B 114 -22.13 -9.49 14.85
N ASP B 115 -21.37 -9.16 15.89
CA ASP B 115 -19.92 -9.06 15.78
C ASP B 115 -19.53 -8.03 14.72
N LYS B 116 -19.27 -8.52 13.51
CA LYS B 116 -18.79 -7.67 12.43
C LYS B 116 -19.54 -6.35 12.34
N LEU B 117 -18.98 -5.42 11.59
CA LEU B 117 -19.54 -4.07 11.48
C LEU B 117 -20.05 -3.78 10.06
N GLU B 118 -21.15 -3.04 9.96
CA GLU B 118 -21.83 -2.74 8.68
C GLU B 118 -20.84 -2.45 7.56
N ILE B 119 -20.25 -1.25 7.61
CA ILE B 119 -19.28 -0.78 6.61
C ILE B 119 -19.92 -0.57 5.23
N ASN B 120 -20.19 0.69 4.89
CA ASN B 120 -20.99 1.01 3.71
C ASN B 120 -20.18 1.09 2.41
N HIS B 121 -19.28 2.06 2.38
CA HIS B 121 -18.58 2.42 1.16
C HIS B 121 -19.43 3.27 0.23
#